data_4DCS
#
_entry.id   4DCS
#
_cell.length_a   63.300
_cell.length_b   65.790
_cell.length_c   111.430
_cell.angle_alpha   90.00
_cell.angle_beta   90.00
_cell.angle_gamma   90.00
#
_symmetry.space_group_name_H-M   'P 21 21 21'
#
loop_
_entity.id
_entity.type
_entity.pdbx_description
1 polymer 'GTP-BINDING PROTEIN ENGA'
2 non-polymer "GUANOSINE-5'-DIPHOSPHATE"
3 non-polymer 'SULFATE ION'
4 water water
#
_entity_poly.entity_id   1
_entity_poly.type   'polypeptide(L)'
_entity_poly.pdbx_seq_one_letter_code
;MGSSHHHHHHSSGLVPRGSHMGKPVVAIVGRPNVGKSTIFNRIAGERISIVEDTPGVTRDRIYSSAEWLNYDFNLIDTGG
IDIGDEPFLAQIRQQAEIAMDEADVIIFMVNGREGVTAADEEVAKILYRTKKPVVLAVNKLDNTEMRANIYDFYSLGFGE
PYPISGTHGLGLGDLLDAVAEHFKNIPETKYNEEVIQFCLIGRPNVGKSSLVNAMLGEERVIVSNVAGTTRDAVDTSFTY
NQQEFVIVDTAGMRKKGKVYETTEKYSVLRALKAIDRSEVVAVVLDGEEGIIEQDKRIAGYAHEAGKAVVIVVNKWDAVD
KDESTMKEFEENIRDHFQFLDYAPILFMSALTKKRIHTLMPAIIKASENHSLRVQTNVLNDVIMDAVAMNPTPTHNGSRL
KIYYATQVSVKPPSFVVFVNDPELMHFSYERFLENRIRDAFGFEGTPIKIFARARK
;
_entity_poly.pdbx_strand_id   A
#
loop_
_chem_comp.id
_chem_comp.type
_chem_comp.name
_chem_comp.formula
GDP RNA linking GUANOSINE-5'-DIPHOSPHATE 'C10 H15 N5 O11 P2'
SO4 non-polymer 'SULFATE ION' 'O4 S -2'
#
# COMPACT_ATOMS: atom_id res chain seq x y z
N LYS A 23 -6.01 -6.67 21.72
CA LYS A 23 -5.55 -7.53 20.60
C LYS A 23 -4.50 -6.82 19.74
N PRO A 24 -4.83 -5.63 19.19
CA PRO A 24 -3.78 -4.92 18.46
C PRO A 24 -2.54 -4.67 19.32
N VAL A 25 -1.37 -4.75 18.70
CA VAL A 25 -0.10 -4.64 19.40
C VAL A 25 0.64 -3.39 18.91
N VAL A 26 1.17 -2.62 19.85
CA VAL A 26 1.88 -1.38 19.55
C VAL A 26 3.30 -1.47 20.10
N ALA A 27 4.26 -0.97 19.33
CA ALA A 27 5.66 -0.88 19.75
C ALA A 27 6.17 0.54 19.58
N ILE A 28 7.11 0.92 20.46
CA ILE A 28 7.79 2.20 20.37
C ILE A 28 9.27 1.97 20.03
N VAL A 29 9.73 2.67 19.00
CA VAL A 29 11.04 2.41 18.37
C VAL A 29 11.79 3.71 18.11
N GLY A 30 13.10 3.68 18.35
CA GLY A 30 13.98 4.81 18.05
C GLY A 30 15.30 4.70 18.77
N ARG A 31 16.25 5.56 18.38
CA ARG A 31 17.59 5.61 19.00
C ARG A 31 17.45 5.90 20.49
N PRO A 32 18.42 5.43 21.32
CA PRO A 32 18.33 5.66 22.76
C PRO A 32 18.34 7.14 23.12
N ASN A 33 17.78 7.47 24.28
CA ASN A 33 17.75 8.85 24.82
C ASN A 33 16.92 9.87 24.03
N VAL A 34 15.74 9.44 23.56
CA VAL A 34 14.78 10.34 22.93
C VAL A 34 13.48 10.42 23.72
N GLY A 35 13.43 9.65 24.81
CA GLY A 35 12.30 9.72 25.74
C GLY A 35 11.31 8.58 25.60
N LYS A 36 11.75 7.46 25.03
CA LYS A 36 10.87 6.30 24.79
C LYS A 36 10.29 5.66 26.06
N SER A 37 11.13 5.50 27.08
CA SER A 37 10.74 4.82 28.32
C SER A 37 9.66 5.57 29.07
N THR A 38 9.85 6.89 29.18
CA THR A 38 8.91 7.81 29.82
C THR A 38 7.51 7.67 29.21
N ILE A 39 7.42 7.83 27.89
CA ILE A 39 6.17 7.65 27.15
C ILE A 39 5.60 6.23 27.32
N PHE A 40 6.44 5.22 27.17
CA PHE A 40 6.03 3.83 27.36
C PHE A 40 5.38 3.61 28.73
N ASN A 41 6.08 4.05 29.78
CA ASN A 41 5.58 3.90 31.15
C ASN A 41 4.26 4.63 31.41
N ARG A 42 4.08 5.77 30.75
CA ARG A 42 2.85 6.53 30.83
C ARG A 42 1.66 5.75 30.26
N ILE A 43 1.82 5.15 29.09
CA ILE A 43 0.68 4.53 28.40
C ILE A 43 0.47 3.04 28.71
N ALA A 44 1.43 2.41 29.38
CA ALA A 44 1.32 1.00 29.75
C ALA A 44 0.64 0.78 31.10
N GLY A 45 -0.11 -0.32 31.19
CA GLY A 45 -0.72 -0.76 32.45
C GLY A 45 0.01 -1.96 33.02
N GLU A 46 -0.77 -2.97 33.44
CA GLU A 46 -0.20 -4.20 34.03
C GLU A 46 0.34 -5.18 32.99
N ARG A 47 1.38 -5.90 33.37
CA ARG A 47 2.02 -6.88 32.49
C ARG A 47 1.16 -8.12 32.32
N ILE A 48 0.89 -8.49 31.07
CA ILE A 48 0.17 -9.74 30.77
C ILE A 48 1.14 -10.91 30.92
N SER A 49 0.92 -11.72 31.96
CA SER A 49 1.78 -12.87 32.27
C SER A 49 0.96 -14.13 32.49
N ARG A 61 8.09 -8.28 28.69
CA ARG A 61 7.39 -8.91 27.57
C ARG A 61 6.29 -7.98 27.02
N ILE A 62 5.04 -8.43 27.14
CA ILE A 62 3.88 -7.70 26.68
C ILE A 62 3.15 -7.03 27.86
N TYR A 63 2.77 -5.77 27.67
CA TYR A 63 2.01 -5.02 28.66
C TYR A 63 0.67 -4.59 28.10
N SER A 64 -0.35 -4.57 28.96
CA SER A 64 -1.66 -4.07 28.60
CA SER A 64 -1.67 -4.07 28.60
C SER A 64 -1.63 -2.54 28.59
N SER A 65 -2.55 -1.91 27.87
CA SER A 65 -2.58 -0.45 27.85
C SER A 65 -3.23 0.07 29.13
N ALA A 66 -2.81 1.26 29.56
CA ALA A 66 -3.27 1.86 30.82
C ALA A 66 -4.78 2.08 30.89
N GLU A 67 -5.31 2.01 32.11
CA GLU A 67 -6.75 2.06 32.40
C GLU A 67 -7.46 3.32 31.90
N TRP A 68 -6.78 4.46 32.01
CA TRP A 68 -7.36 5.74 31.60
C TRP A 68 -7.56 5.90 30.11
N LEU A 69 -6.79 5.17 29.31
CA LEU A 69 -6.88 5.26 27.85
C LEU A 69 -8.26 4.88 27.30
N ASN A 70 -8.72 5.61 26.30
CA ASN A 70 -9.96 5.24 25.61
C ASN A 70 -9.72 4.42 24.35
N TYR A 71 -8.66 3.62 24.38
CA TYR A 71 -8.31 2.72 23.31
C TYR A 71 -7.97 1.37 23.94
N ASP A 72 -8.26 0.29 23.21
CA ASP A 72 -7.89 -1.05 23.68
C ASP A 72 -6.80 -1.68 22.81
N PHE A 73 -5.61 -1.81 23.39
CA PHE A 73 -4.45 -2.42 22.72
C PHE A 73 -3.38 -2.90 23.72
N ASN A 74 -2.38 -3.62 23.22
CA ASN A 74 -1.24 -4.04 24.04
C ASN A 74 0.05 -3.38 23.58
N LEU A 75 1.05 -3.34 24.47
CA LEU A 75 2.37 -2.83 24.13
C LEU A 75 3.38 -3.97 24.16
N ILE A 76 4.41 -3.88 23.31
CA ILE A 76 5.55 -4.79 23.41
C ILE A 76 6.82 -4.02 23.73
N ASP A 77 7.54 -4.49 24.75
CA ASP A 77 8.84 -3.94 25.11
C ASP A 77 9.90 -4.51 24.17
N THR A 78 10.76 -3.63 23.66
CA THR A 78 11.89 -4.03 22.79
C THR A 78 13.23 -3.57 23.36
N GLY A 79 13.43 -3.79 24.66
CA GLY A 79 14.66 -3.39 25.35
C GLY A 79 15.75 -4.45 25.32
N GLY A 80 15.73 -5.34 26.30
CA GLY A 80 16.67 -6.46 26.37
C GLY A 80 17.99 -6.11 27.04
N PRO A 87 28.10 -2.84 18.89
CA PRO A 87 26.77 -2.65 19.46
C PRO A 87 26.31 -1.18 19.48
N PHE A 88 25.75 -0.74 18.35
CA PHE A 88 25.03 0.53 18.24
C PHE A 88 24.01 0.44 17.11
N LEU A 89 24.49 0.45 15.87
CA LEU A 89 23.65 0.29 14.69
C LEU A 89 22.96 -1.07 14.68
N ALA A 90 23.69 -2.10 15.13
CA ALA A 90 23.15 -3.46 15.24
C ALA A 90 22.17 -3.60 16.41
N GLN A 91 22.36 -2.77 17.43
CA GLN A 91 21.52 -2.78 18.62
C GLN A 91 20.13 -2.22 18.32
N ILE A 92 20.08 -1.08 17.64
CA ILE A 92 18.84 -0.48 17.16
C ILE A 92 18.14 -1.40 16.14
N ARG A 93 18.94 -2.04 15.29
CA ARG A 93 18.46 -2.97 14.28
C ARG A 93 17.60 -4.08 14.89
N GLN A 94 18.11 -4.71 15.95
CA GLN A 94 17.42 -5.85 16.57
C GLN A 94 16.11 -5.44 17.22
N GLN A 95 16.11 -4.28 17.88
CA GLN A 95 14.90 -3.69 18.47
C GLN A 95 13.80 -3.46 17.45
N ALA A 96 14.20 -2.96 16.28
CA ALA A 96 13.28 -2.65 15.18
C ALA A 96 12.78 -3.92 14.50
N GLU A 97 13.60 -4.96 14.53
CA GLU A 97 13.22 -6.26 13.94
C GLU A 97 12.21 -7.00 14.80
N ILE A 98 12.36 -6.93 16.13
CA ILE A 98 11.33 -7.43 17.06
C ILE A 98 10.01 -6.69 16.80
N ALA A 99 10.11 -5.37 16.68
CA ALA A 99 8.95 -4.50 16.47
C ALA A 99 8.25 -4.82 15.16
N MET A 100 9.02 -4.93 14.08
CA MET A 100 8.48 -5.27 12.77
C MET A 100 7.79 -6.62 12.72
N ASP A 101 8.29 -7.58 13.50
CA ASP A 101 7.76 -8.93 13.47
C ASP A 101 6.56 -9.14 14.39
N GLU A 102 6.56 -8.49 15.55
CA GLU A 102 5.55 -8.76 16.59
C GLU A 102 4.47 -7.68 16.76
N ALA A 103 4.74 -6.46 16.29
CA ALA A 103 3.77 -5.37 16.44
C ALA A 103 2.84 -5.21 15.24
N ASP A 104 1.74 -4.50 15.44
CA ASP A 104 0.80 -4.19 14.36
C ASP A 104 0.97 -2.74 13.91
N VAL A 105 1.27 -1.87 14.86
CA VAL A 105 1.52 -0.45 14.58
C VAL A 105 2.79 -0.03 15.29
N ILE A 106 3.65 0.70 14.61
CA ILE A 106 4.90 1.16 15.22
C ILE A 106 4.91 2.67 15.44
N ILE A 107 5.28 3.07 16.66
CA ILE A 107 5.58 4.48 16.91
C ILE A 107 7.09 4.66 16.80
N PHE A 108 7.48 5.52 15.87
CA PHE A 108 8.89 5.86 15.67
C PHE A 108 9.17 7.23 16.29
N MET A 109 9.97 7.21 17.36
CA MET A 109 10.24 8.39 18.16
C MET A 109 11.59 9.03 17.84
N VAL A 110 11.57 10.36 17.71
CA VAL A 110 12.78 11.18 17.60
C VAL A 110 12.75 12.29 18.66
N ASN A 111 13.88 12.96 18.86
CA ASN A 111 14.02 14.04 19.83
C ASN A 111 13.99 15.40 19.13
N GLY A 112 12.93 16.16 19.35
CA GLY A 112 12.73 17.42 18.64
C GLY A 112 13.74 18.51 18.91
N ARG A 113 14.36 18.47 20.09
CA ARG A 113 15.34 19.48 20.49
C ARG A 113 16.66 19.31 19.73
N GLU A 114 16.98 18.06 19.40
CA GLU A 114 18.15 17.73 18.58
C GLU A 114 17.84 17.94 17.10
N GLY A 115 16.57 17.84 16.73
CA GLY A 115 16.18 17.82 15.33
C GLY A 115 16.45 16.45 14.76
N VAL A 116 16.46 16.35 13.43
CA VAL A 116 16.73 15.08 12.76
C VAL A 116 18.23 14.82 12.67
N THR A 117 18.68 13.75 13.33
CA THR A 117 20.09 13.38 13.36
C THR A 117 20.35 12.20 12.42
N ALA A 118 21.61 12.02 12.06
CA ALA A 118 22.03 10.87 11.25
C ALA A 118 21.56 9.54 11.82
N ALA A 119 21.51 9.43 13.14
CA ALA A 119 21.04 8.21 13.79
C ALA A 119 19.52 8.00 13.66
N ASP A 120 18.75 9.09 13.55
CA ASP A 120 17.30 8.99 13.30
C ASP A 120 17.06 8.51 11.88
N GLU A 121 17.80 9.08 10.94
CA GLU A 121 17.74 8.72 9.52
C GLU A 121 18.08 7.25 9.32
N GLU A 122 19.08 6.79 10.08
CA GLU A 122 19.46 5.38 10.11
C GLU A 122 18.31 4.48 10.57
N VAL A 123 17.63 4.88 11.65
CA VAL A 123 16.48 4.12 12.15
C VAL A 123 15.35 4.09 11.11
N ALA A 124 15.12 5.23 10.46
CA ALA A 124 14.12 5.34 9.40
C ALA A 124 14.37 4.34 8.28
N LYS A 125 15.65 4.22 7.89
CA LYS A 125 16.04 3.31 6.80
C LYS A 125 15.80 1.86 7.15
N ILE A 126 16.05 1.49 8.40
CA ILE A 126 15.67 0.16 8.87
C ILE A 126 14.15 0.00 8.75
N LEU A 127 13.39 1.01 9.15
CA LEU A 127 11.93 0.92 9.18
C LEU A 127 11.26 0.87 7.79
N TYR A 128 11.95 1.38 6.78
CA TYR A 128 11.44 1.28 5.39
C TYR A 128 11.18 -0.17 4.95
N ARG A 129 11.66 -1.12 5.75
CA ARG A 129 11.60 -2.53 5.37
CA ARG A 129 11.63 -2.55 5.43
C ARG A 129 10.32 -3.25 5.80
N THR A 130 9.42 -2.53 6.45
CA THR A 130 8.13 -3.10 6.80
C THR A 130 7.01 -2.42 6.02
N LYS A 131 5.92 -3.15 5.83
CA LYS A 131 4.72 -2.62 5.22
C LYS A 131 3.73 -2.20 6.32
N LYS A 132 4.03 -2.59 7.56
CA LYS A 132 3.23 -2.23 8.74
C LYS A 132 3.24 -0.72 8.97
N PRO A 133 2.14 -0.17 9.52
CA PRO A 133 2.04 1.27 9.74
C PRO A 133 3.02 1.81 10.78
N VAL A 134 3.66 2.91 10.43
CA VAL A 134 4.60 3.60 11.29
C VAL A 134 4.15 5.05 11.49
N VAL A 135 3.94 5.44 12.74
CA VAL A 135 3.53 6.80 13.08
C VAL A 135 4.71 7.53 13.72
N LEU A 136 5.03 8.72 13.23
CA LEU A 136 6.18 9.46 13.74
C LEU A 136 5.80 10.39 14.90
N ALA A 137 6.56 10.25 16.00
CA ALA A 137 6.35 11.07 17.18
C ALA A 137 7.60 11.90 17.41
N VAL A 138 7.39 13.19 17.66
CA VAL A 138 8.48 14.14 17.91
C VAL A 138 8.42 14.57 19.38
N ASN A 139 9.39 14.10 20.16
CA ASN A 139 9.39 14.34 21.59
C ASN A 139 10.04 15.66 21.99
N LYS A 140 9.63 16.18 23.16
CA LYS A 140 10.21 17.37 23.77
C LYS A 140 10.00 18.63 22.91
N LEU A 141 8.82 18.72 22.30
CA LEU A 141 8.40 19.90 21.55
C LEU A 141 6.91 20.17 21.70
N MET A 146 8.73 23.54 16.53
CA MET A 146 7.80 22.57 15.99
CA MET A 146 7.77 22.59 15.99
C MET A 146 7.57 22.80 14.49
N ARG A 147 7.11 24.01 14.14
CA ARG A 147 6.86 24.41 12.76
C ARG A 147 8.16 24.82 12.06
N ALA A 148 9.21 25.02 12.86
CA ALA A 148 10.50 25.50 12.37
C ALA A 148 11.21 24.51 11.45
N ASN A 149 11.03 23.22 11.72
CA ASN A 149 11.72 22.17 10.98
C ASN A 149 10.77 21.16 10.33
N ILE A 150 9.56 21.61 9.98
CA ILE A 150 8.52 20.73 9.44
C ILE A 150 9.04 19.78 8.34
N TYR A 151 9.82 20.33 7.41
CA TYR A 151 10.36 19.56 6.29
C TYR A 151 11.36 18.52 6.76
N ASP A 152 12.15 18.88 7.77
CA ASP A 152 13.14 17.96 8.35
C ASP A 152 12.48 16.69 8.87
N PHE A 153 11.38 16.83 9.60
CA PHE A 153 10.68 15.67 10.16
C PHE A 153 9.89 14.90 9.09
N TYR A 154 9.31 15.63 8.13
CA TYR A 154 8.71 15.00 6.94
C TYR A 154 9.77 14.28 6.07
N SER A 155 11.02 14.74 6.15
CA SER A 155 12.16 14.12 5.45
C SER A 155 12.33 12.66 5.85
N LEU A 156 11.90 12.31 7.06
CA LEU A 156 12.02 10.92 7.52
C LEU A 156 11.14 9.95 6.71
N GLY A 157 10.14 10.49 6.00
CA GLY A 157 9.37 9.72 5.03
C GLY A 157 8.20 8.94 5.59
N PHE A 158 7.72 9.33 6.78
CA PHE A 158 6.59 8.65 7.43
C PHE A 158 5.37 9.57 7.60
N GLY A 159 5.39 10.73 6.97
CA GLY A 159 4.26 11.65 7.03
C GLY A 159 4.26 12.53 8.26
N GLU A 160 3.05 12.92 8.68
CA GLU A 160 2.83 13.89 9.75
C GLU A 160 3.51 13.51 11.06
N PRO A 161 4.38 14.40 11.56
CA PRO A 161 5.02 14.25 12.86
C PRO A 161 4.05 14.69 13.97
N TYR A 162 3.87 13.85 14.98
CA TYR A 162 3.04 14.19 16.11
C TYR A 162 3.89 14.66 17.29
N PRO A 163 3.80 15.97 17.60
CA PRO A 163 4.59 16.49 18.72
C PRO A 163 4.03 16.00 20.05
N ILE A 164 4.93 15.64 20.97
CA ILE A 164 4.53 15.21 22.32
C ILE A 164 5.47 15.71 23.41
N SER A 165 5.00 15.62 24.65
CA SER A 165 5.80 15.94 25.83
CA SER A 165 5.80 15.93 25.83
C SER A 165 5.49 14.92 26.93
N GLY A 166 6.52 14.23 27.42
CA GLY A 166 6.37 13.20 28.44
C GLY A 166 6.12 13.72 29.84
N THR A 167 6.08 15.05 29.99
CA THR A 167 5.84 15.74 31.26
C THR A 167 4.36 15.71 31.62
N HIS A 168 3.56 16.48 30.88
CA HIS A 168 2.13 16.59 31.13
C HIS A 168 1.28 16.10 29.99
N GLY A 169 1.85 15.19 29.20
CA GLY A 169 1.14 14.44 28.16
C GLY A 169 0.46 15.21 27.06
N LEU A 170 0.96 16.41 26.74
CA LEU A 170 0.37 17.20 25.66
C LEU A 170 0.78 16.65 24.29
N GLY A 171 -0.22 16.43 23.43
CA GLY A 171 -0.03 15.84 22.10
C GLY A 171 -0.36 14.35 22.07
N LEU A 172 -0.43 13.75 23.25
CA LEU A 172 -0.63 12.34 23.40
C LEU A 172 -1.96 11.86 22.79
N GLY A 173 -3.02 12.66 22.97
CA GLY A 173 -4.32 12.37 22.37
C GLY A 173 -4.27 12.25 20.85
N ASP A 174 -3.65 13.23 20.20
CA ASP A 174 -3.49 13.18 18.72
C ASP A 174 -2.64 11.99 18.23
N LEU A 175 -1.57 11.68 18.97
CA LEU A 175 -0.69 10.58 18.60
C LEU A 175 -1.42 9.25 18.67
N LEU A 176 -2.12 9.01 19.77
CA LEU A 176 -2.81 7.73 19.95
C LEU A 176 -3.99 7.57 19.00
N ASP A 177 -4.63 8.68 18.65
CA ASP A 177 -5.65 8.70 17.60
C ASP A 177 -5.10 8.22 16.25
N ALA A 178 -3.93 8.74 15.89
CA ALA A 178 -3.28 8.37 14.63
C ALA A 178 -2.90 6.89 14.61
N VAL A 179 -2.39 6.40 15.74
CA VAL A 179 -2.06 4.98 15.92
C VAL A 179 -3.31 4.08 15.87
N ALA A 180 -4.33 4.43 16.63
CA ALA A 180 -5.56 3.62 16.72
C ALA A 180 -6.35 3.49 15.42
N GLU A 181 -6.24 4.48 14.54
CA GLU A 181 -6.98 4.43 13.27
C GLU A 181 -6.50 3.37 12.28
N HIS A 182 -5.28 2.85 12.49
CA HIS A 182 -4.79 1.71 11.71
C HIS A 182 -5.35 0.41 12.20
N PHE A 183 -5.88 0.41 13.42
CA PHE A 183 -6.34 -0.83 14.05
C PHE A 183 -7.40 -1.59 13.23
N LYS A 184 -8.12 -0.85 12.39
CA LYS A 184 -9.18 -1.41 11.54
C LYS A 184 -8.57 -2.18 10.37
N ASN A 185 -7.37 -1.78 9.96
CA ASN A 185 -6.68 -2.39 8.81
C ASN A 185 -5.72 -3.54 9.18
N ILE A 186 -5.89 -4.13 10.37
CA ILE A 186 -5.09 -5.27 10.79
C ILE A 186 -5.65 -6.57 10.19
N PRO A 187 -4.79 -7.36 9.49
CA PRO A 187 -5.27 -8.56 8.79
C PRO A 187 -5.86 -9.60 9.75
N GLU A 188 -6.97 -10.21 9.36
CA GLU A 188 -7.52 -11.35 10.10
C GLU A 188 -6.54 -12.52 9.96
N THR A 189 -6.13 -12.81 8.73
CA THR A 189 -5.18 -13.88 8.42
C THR A 189 -3.83 -13.22 8.17
N LYS A 190 -2.84 -13.60 8.95
CA LYS A 190 -1.52 -13.00 8.85
C LYS A 190 -0.54 -13.93 8.15
N TYR A 191 0.20 -13.39 7.21
CA TYR A 191 1.27 -14.09 6.54
C TYR A 191 2.59 -13.34 6.77
N ASN A 192 3.68 -14.09 6.65
CA ASN A 192 5.01 -13.49 6.64
C ASN A 192 5.06 -12.34 5.64
N GLU A 193 5.80 -11.30 6.03
CA GLU A 193 6.01 -10.08 5.26
C GLU A 193 6.49 -10.37 3.82
N GLU A 194 7.26 -11.45 3.64
CA GLU A 194 7.84 -11.82 2.35
C GLU A 194 6.79 -12.21 1.30
N VAL A 195 5.68 -12.79 1.77
CA VAL A 195 4.63 -13.31 0.90
C VAL A 195 3.90 -12.19 0.10
N ILE A 196 3.75 -12.40 -1.20
CA ILE A 196 2.97 -11.50 -2.05
C ILE A 196 1.55 -12.05 -2.18
N GLN A 197 0.58 -11.26 -1.74
CA GLN A 197 -0.83 -11.65 -1.72
C GLN A 197 -1.62 -11.01 -2.86
N PHE A 198 -2.31 -11.83 -3.64
CA PHE A 198 -3.07 -11.33 -4.76
C PHE A 198 -4.39 -12.08 -4.91
N CYS A 199 -5.34 -11.47 -5.62
CA CYS A 199 -6.61 -12.13 -5.93
C CYS A 199 -7.00 -11.98 -7.40
N LEU A 200 -7.84 -12.92 -7.86
CA LEU A 200 -8.45 -12.86 -9.19
C LEU A 200 -9.92 -12.56 -9.02
N ILE A 201 -10.42 -11.52 -9.68
CA ILE A 201 -11.84 -11.15 -9.61
C ILE A 201 -12.47 -10.97 -10.99
N GLY A 202 -13.78 -11.21 -11.06
CA GLY A 202 -14.52 -11.08 -12.30
C GLY A 202 -15.84 -11.82 -12.24
N ARG A 203 -16.73 -11.50 -13.17
CA ARG A 203 -18.07 -12.08 -13.23
C ARG A 203 -18.02 -13.61 -13.45
N PRO A 204 -19.06 -14.34 -12.97
CA PRO A 204 -19.00 -15.80 -13.06
C PRO A 204 -18.77 -16.28 -14.49
N ASN A 205 -17.99 -17.34 -14.61
CA ASN A 205 -17.67 -17.97 -15.91
C ASN A 205 -16.73 -17.20 -16.85
N VAL A 206 -16.04 -16.16 -16.33
CA VAL A 206 -14.97 -15.47 -17.10
C VAL A 206 -13.70 -16.31 -17.26
N GLY A 207 -13.51 -17.26 -16.33
CA GLY A 207 -12.40 -18.21 -16.38
C GLY A 207 -11.41 -18.10 -15.24
N LYS A 208 -11.86 -17.62 -14.08
CA LYS A 208 -11.01 -17.43 -12.91
C LYS A 208 -10.34 -18.73 -12.46
N SER A 209 -11.17 -19.76 -12.24
CA SER A 209 -10.68 -21.10 -11.87
C SER A 209 -9.70 -21.64 -12.90
N SER A 210 -10.07 -21.51 -14.19
CA SER A 210 -9.25 -22.04 -15.28
C SER A 210 -7.89 -21.35 -15.35
N LEU A 211 -7.86 -20.04 -15.14
CA LEU A 211 -6.60 -19.27 -15.12
C LEU A 211 -5.70 -19.71 -13.95
N VAL A 212 -6.30 -19.85 -12.76
CA VAL A 212 -5.55 -20.28 -11.58
C VAL A 212 -4.89 -21.64 -11.82
N ASN A 213 -5.70 -22.60 -12.30
CA ASN A 213 -5.22 -23.94 -12.63
C ASN A 213 -4.16 -23.92 -13.72
N ALA A 214 -4.37 -23.12 -14.76
CA ALA A 214 -3.36 -22.93 -15.83
C ALA A 214 -2.05 -22.31 -15.32
N MET A 215 -2.15 -21.31 -14.45
N MET A 215 -2.17 -21.28 -14.47
CA MET A 215 -0.96 -20.66 -13.91
CA MET A 215 -1.02 -20.64 -13.83
C MET A 215 -0.20 -21.56 -12.92
C MET A 215 -0.22 -21.64 -13.01
N LEU A 216 -0.93 -22.37 -12.16
CA LEU A 216 -0.31 -23.30 -11.20
C LEU A 216 0.39 -24.51 -11.86
N GLY A 217 0.09 -24.76 -13.14
CA GLY A 217 0.67 -25.90 -13.87
C GLY A 217 2.02 -25.66 -14.56
N GLU A 218 2.56 -24.45 -14.44
CA GLU A 218 3.82 -24.07 -15.11
CA GLU A 218 3.81 -24.11 -15.12
C GLU A 218 5.03 -24.60 -14.35
N GLU A 219 6.09 -24.91 -15.07
CA GLU A 219 7.34 -25.44 -14.52
C GLU A 219 7.90 -24.60 -13.35
N ARG A 220 7.72 -23.28 -13.41
CA ARG A 220 8.27 -22.36 -12.41
C ARG A 220 7.54 -22.40 -11.05
N VAL A 221 6.34 -22.97 -11.03
CA VAL A 221 5.49 -23.02 -9.84
C VAL A 221 5.68 -24.26 -8.96
N ILE A 222 5.68 -24.09 -7.65
CA ILE A 222 5.58 -25.22 -6.71
C ILE A 222 4.43 -24.93 -5.74
N VAL A 223 3.37 -25.72 -5.85
CA VAL A 223 2.20 -25.60 -4.96
C VAL A 223 2.55 -26.21 -3.60
N SER A 224 2.13 -25.56 -2.52
CA SER A 224 2.43 -26.03 -1.16
C SER A 224 1.93 -27.45 -0.84
N ASN A 225 2.67 -28.12 0.05
CA ASN A 225 2.44 -29.53 0.45
C ASN A 225 2.85 -30.53 -0.64
N ASP A 232 -5.07 -21.85 7.04
CA ASP A 232 -6.35 -21.54 6.42
C ASP A 232 -6.56 -22.27 5.10
N ALA A 233 -7.74 -22.89 4.97
CA ALA A 233 -8.12 -23.63 3.76
C ALA A 233 -8.90 -22.77 2.76
N VAL A 234 -8.83 -21.44 2.91
CA VAL A 234 -9.46 -20.54 1.95
C VAL A 234 -8.49 -20.03 0.88
N ASP A 235 -7.21 -19.93 1.25
CA ASP A 235 -6.16 -19.41 0.35
C ASP A 235 -5.33 -20.54 -0.29
N THR A 236 -4.63 -20.22 -1.37
CA THR A 236 -3.67 -21.15 -1.99
C THR A 236 -2.27 -20.56 -1.93
N SER A 237 -1.36 -21.29 -1.29
CA SER A 237 0.06 -20.91 -1.19
C SER A 237 0.86 -21.57 -2.29
N PHE A 238 1.86 -20.87 -2.80
CA PHE A 238 2.77 -21.44 -3.79
C PHE A 238 4.02 -20.57 -3.92
N THR A 239 5.05 -21.13 -4.56
CA THR A 239 6.24 -20.36 -4.90
C THR A 239 6.33 -20.29 -6.40
N TYR A 240 6.87 -19.19 -6.90
CA TYR A 240 7.13 -19.00 -8.33
C TYR A 240 8.53 -18.43 -8.37
N ASN A 241 9.42 -19.12 -9.08
CA ASN A 241 10.84 -18.79 -9.03
C ASN A 241 11.33 -18.70 -7.60
N GLN A 242 10.80 -19.60 -6.77
CA GLN A 242 11.10 -19.68 -5.33
C GLN A 242 10.60 -18.51 -4.46
N GLN A 243 9.89 -17.56 -5.05
CA GLN A 243 9.22 -16.50 -4.27
C GLN A 243 7.84 -16.93 -3.77
N GLU A 244 7.54 -16.68 -2.49
CA GLU A 244 6.23 -17.05 -1.90
C GLU A 244 5.08 -16.13 -2.31
N PHE A 245 3.97 -16.73 -2.72
CA PHE A 245 2.75 -16.01 -3.09
C PHE A 245 1.56 -16.67 -2.40
N VAL A 246 0.52 -15.88 -2.11
CA VAL A 246 -0.79 -16.42 -1.71
C VAL A 246 -1.89 -15.87 -2.63
N ILE A 247 -2.66 -16.77 -3.22
CA ILE A 247 -3.92 -16.41 -3.88
C ILE A 247 -5.04 -16.37 -2.83
N VAL A 248 -5.58 -15.17 -2.61
CA VAL A 248 -6.63 -14.96 -1.60
C VAL A 248 -7.95 -15.63 -2.00
N ASP A 249 -8.53 -16.37 -1.05
CA ASP A 249 -9.88 -16.94 -1.18
C ASP A 249 -10.13 -17.76 -2.45
N THR A 250 -9.34 -18.82 -2.63
CA THR A 250 -9.59 -19.77 -3.70
C THR A 250 -10.83 -20.65 -3.44
N ALA A 251 -11.12 -20.88 -2.16
CA ALA A 251 -12.35 -21.58 -1.74
C ALA A 251 -13.62 -20.95 -2.34
N GLY A 252 -13.66 -19.61 -2.39
CA GLY A 252 -14.82 -18.90 -2.92
C GLY A 252 -14.90 -18.98 -4.43
N MET A 253 -13.78 -19.35 -5.04
CA MET A 253 -13.70 -19.53 -6.47
C MET A 253 -14.17 -20.94 -6.83
N ARG A 254 -14.03 -21.85 -5.86
CA ARG A 254 -14.44 -23.24 -6.05
CA ARG A 254 -14.41 -23.26 -6.01
C ARG A 254 -15.79 -23.55 -5.39
N LYS A 255 -16.44 -22.51 -4.85
CA LYS A 255 -17.75 -22.64 -4.20
C LYS A 255 -18.76 -23.39 -5.07
N LYS A 256 -18.87 -22.99 -6.33
CA LYS A 256 -19.69 -23.71 -7.30
C LYS A 256 -19.10 -25.11 -7.50
N GLY A 257 -19.93 -26.06 -7.88
CA GLY A 257 -19.52 -27.46 -7.81
C GLY A 257 -20.03 -28.09 -6.53
N LYS A 258 -20.23 -27.26 -5.51
CA LYS A 258 -20.91 -27.67 -4.27
C LYS A 258 -22.30 -27.05 -4.14
N VAL A 259 -22.49 -25.91 -4.82
CA VAL A 259 -23.62 -25.00 -4.59
C VAL A 259 -24.13 -24.39 -5.91
N TYR A 260 -25.45 -24.26 -6.06
CA TYR A 260 -26.07 -23.54 -7.20
C TYR A 260 -26.02 -22.03 -7.03
N GLU A 261 -25.79 -21.31 -8.13
CA GLU A 261 -25.82 -19.85 -8.10
C GLU A 261 -27.25 -19.36 -8.23
N THR A 262 -27.68 -18.57 -7.25
CA THR A 262 -29.05 -18.09 -7.17
C THR A 262 -29.09 -16.58 -7.40
N THR A 263 -27.92 -15.95 -7.30
CA THR A 263 -27.74 -14.49 -7.37
C THR A 263 -26.24 -14.23 -7.34
N GLU A 264 -25.81 -13.08 -7.84
CA GLU A 264 -24.39 -12.77 -7.80
C GLU A 264 -24.04 -11.97 -6.54
N LYS A 265 -25.06 -11.45 -5.86
CA LYS A 265 -24.85 -10.42 -4.83
C LYS A 265 -23.88 -10.84 -3.70
N TYR A 266 -23.90 -12.11 -3.29
CA TYR A 266 -22.99 -12.61 -2.23
C TYR A 266 -21.59 -12.86 -2.76
N SER A 267 -21.50 -13.30 -4.01
CA SER A 267 -20.20 -13.48 -4.69
C SER A 267 -19.44 -12.16 -4.81
N VAL A 268 -20.15 -11.10 -5.19
CA VAL A 268 -19.57 -9.78 -5.31
C VAL A 268 -19.05 -9.30 -3.94
N LEU A 269 -19.88 -9.42 -2.91
CA LEU A 269 -19.47 -8.98 -1.57
C LEU A 269 -18.26 -9.76 -1.07
N ARG A 270 -18.22 -11.03 -1.41
CA ARG A 270 -17.08 -11.90 -1.09
C ARG A 270 -15.82 -11.45 -1.81
N ALA A 271 -15.97 -10.99 -3.06
CA ALA A 271 -14.84 -10.48 -3.84
C ALA A 271 -14.23 -9.22 -3.22
N LEU A 272 -15.08 -8.35 -2.70
CA LEU A 272 -14.61 -7.13 -2.05
C LEU A 272 -13.76 -7.40 -0.78
N LYS A 273 -14.14 -8.43 -0.02
CA LYS A 273 -13.34 -8.89 1.11
C LYS A 273 -11.96 -9.42 0.64
N ALA A 274 -11.93 -10.17 -0.45
CA ALA A 274 -10.68 -10.68 -1.02
C ALA A 274 -9.78 -9.54 -1.47
N ILE A 275 -10.36 -8.56 -2.16
CA ILE A 275 -9.65 -7.33 -2.51
C ILE A 275 -9.04 -6.64 -1.27
N ASP A 276 -9.85 -6.42 -0.23
CA ASP A 276 -9.37 -5.85 1.05
C ASP A 276 -8.10 -6.55 1.57
N ARG A 277 -8.05 -7.88 1.46
CA ARG A 277 -6.91 -8.67 1.99
C ARG A 277 -5.67 -8.69 1.06
N SER A 278 -5.83 -8.26 -0.19
CA SER A 278 -4.76 -8.39 -1.21
C SER A 278 -3.94 -7.11 -1.38
N GLU A 279 -2.74 -7.24 -1.94
CA GLU A 279 -2.01 -6.05 -2.41
C GLU A 279 -2.23 -5.83 -3.92
N VAL A 280 -2.34 -6.92 -4.69
CA VAL A 280 -2.56 -6.82 -6.13
C VAL A 280 -3.86 -7.49 -6.51
N VAL A 281 -4.66 -6.80 -7.32
CA VAL A 281 -5.95 -7.33 -7.77
C VAL A 281 -5.89 -7.54 -9.27
N ALA A 282 -6.13 -8.78 -9.71
CA ALA A 282 -6.25 -9.07 -11.12
C ALA A 282 -7.73 -9.04 -11.56
N VAL A 283 -8.08 -8.03 -12.36
CA VAL A 283 -9.44 -7.89 -12.88
C VAL A 283 -9.52 -8.67 -14.19
N VAL A 284 -10.29 -9.76 -14.19
CA VAL A 284 -10.35 -10.61 -15.38
CA VAL A 284 -10.35 -10.63 -15.36
C VAL A 284 -11.62 -10.37 -16.19
N LEU A 285 -11.43 -10.05 -17.47
CA LEU A 285 -12.54 -9.80 -18.37
C LEU A 285 -12.65 -10.93 -19.39
N ASP A 286 -13.85 -11.13 -19.89
CA ASP A 286 -14.12 -12.14 -20.92
C ASP A 286 -13.94 -11.51 -22.31
N GLY A 287 -13.04 -12.08 -23.09
CA GLY A 287 -12.77 -11.64 -24.45
C GLY A 287 -13.93 -11.82 -25.41
N GLU A 288 -14.75 -12.85 -25.18
CA GLU A 288 -15.89 -13.17 -26.03
C GLU A 288 -17.04 -12.18 -25.92
N GLU A 289 -17.49 -11.93 -24.70
CA GLU A 289 -18.66 -11.08 -24.49
C GLU A 289 -18.36 -9.62 -24.12
N GLY A 290 -17.08 -9.28 -24.11
CA GLY A 290 -16.65 -7.89 -23.87
C GLY A 290 -17.03 -7.35 -22.50
N ILE A 291 -16.89 -6.04 -22.35
CA ILE A 291 -17.06 -5.36 -21.06
C ILE A 291 -18.52 -5.15 -20.70
N ILE A 292 -18.86 -5.38 -19.44
CA ILE A 292 -20.22 -5.16 -18.94
C ILE A 292 -20.20 -4.33 -17.66
N GLU A 293 -21.38 -3.88 -17.23
CA GLU A 293 -21.49 -2.89 -16.16
C GLU A 293 -21.01 -3.36 -14.79
N GLN A 294 -21.13 -4.65 -14.50
CA GLN A 294 -20.68 -5.18 -13.21
C GLN A 294 -19.15 -5.23 -13.13
N ASP A 295 -18.50 -5.29 -14.28
CA ASP A 295 -17.03 -5.22 -14.34
C ASP A 295 -16.54 -3.92 -13.73
N LYS A 296 -17.28 -2.83 -13.95
CA LYS A 296 -16.94 -1.51 -13.42
C LYS A 296 -17.00 -1.44 -11.91
N ARG A 297 -18.06 -2.00 -11.31
CA ARG A 297 -18.27 -1.97 -9.87
C ARG A 297 -17.06 -2.47 -9.08
N ILE A 298 -16.59 -3.67 -9.40
CA ILE A 298 -15.53 -4.31 -8.60
C ILE A 298 -14.17 -3.66 -8.88
N ALA A 299 -13.93 -3.24 -10.12
CA ALA A 299 -12.68 -2.57 -10.51
C ALA A 299 -12.55 -1.17 -9.88
N GLY A 300 -13.67 -0.44 -9.81
CA GLY A 300 -13.73 0.86 -9.12
C GLY A 300 -13.42 0.74 -7.64
N TYR A 301 -13.95 -0.31 -7.03
CA TYR A 301 -13.65 -0.62 -5.63
C TYR A 301 -12.15 -0.88 -5.41
N ALA A 302 -11.56 -1.73 -6.26
CA ALA A 302 -10.10 -1.97 -6.21
C ALA A 302 -9.31 -0.65 -6.25
N HIS A 303 -9.67 0.24 -7.18
CA HIS A 303 -8.99 1.54 -7.31
C HIS A 303 -9.12 2.42 -6.08
N GLU A 304 -10.34 2.53 -5.55
CA GLU A 304 -10.58 3.34 -4.35
C GLU A 304 -9.94 2.72 -3.10
N ALA A 305 -9.76 1.40 -3.11
CA ALA A 305 -9.08 0.74 -2.00
C ALA A 305 -7.56 0.91 -2.06
N GLY A 306 -7.08 1.57 -3.11
CA GLY A 306 -5.64 1.83 -3.27
C GLY A 306 -4.79 0.61 -3.60
N LYS A 307 -5.38 -0.37 -4.27
CA LYS A 307 -4.69 -1.61 -4.61
C LYS A 307 -3.90 -1.51 -5.93
N ALA A 308 -2.83 -2.29 -6.05
CA ALA A 308 -2.24 -2.54 -7.36
C ALA A 308 -3.23 -3.32 -8.22
N VAL A 309 -3.26 -3.04 -9.52
CA VAL A 309 -4.23 -3.63 -10.44
C VAL A 309 -3.57 -4.06 -11.75
N VAL A 310 -3.89 -5.29 -12.18
CA VAL A 310 -3.55 -5.80 -13.49
C VAL A 310 -4.88 -6.17 -14.16
N ILE A 311 -5.06 -5.76 -15.41
CA ILE A 311 -6.23 -6.17 -16.19
C ILE A 311 -5.90 -7.37 -17.11
N VAL A 312 -6.72 -8.40 -17.00
CA VAL A 312 -6.54 -9.62 -17.77
C VAL A 312 -7.75 -9.86 -18.69
N VAL A 313 -7.47 -10.02 -19.98
CA VAL A 313 -8.51 -10.45 -20.91
C VAL A 313 -8.34 -11.96 -21.15
N ASN A 314 -9.26 -12.73 -20.58
CA ASN A 314 -9.31 -14.17 -20.80
C ASN A 314 -10.13 -14.52 -22.04
N LYS A 315 -9.97 -15.77 -22.50
CA LYS A 315 -10.66 -16.35 -23.67
C LYS A 315 -10.27 -15.65 -24.99
N TRP A 316 -9.01 -15.26 -25.09
CA TRP A 316 -8.53 -14.57 -26.29
C TRP A 316 -8.52 -15.47 -27.50
N ASP A 317 -8.49 -16.77 -27.25
CA ASP A 317 -8.57 -17.80 -28.29
C ASP A 317 -9.89 -17.78 -29.05
N ALA A 318 -10.96 -17.36 -28.36
CA ALA A 318 -12.31 -17.48 -28.89
C ALA A 318 -12.80 -16.21 -29.59
N VAL A 319 -11.92 -15.22 -29.72
CA VAL A 319 -12.28 -13.92 -30.28
C VAL A 319 -12.09 -13.89 -31.80
N ASP A 320 -13.09 -13.33 -32.51
CA ASP A 320 -13.01 -13.06 -33.94
C ASP A 320 -11.94 -12.00 -34.20
N LYS A 321 -10.74 -12.43 -34.56
CA LYS A 321 -9.56 -11.56 -34.57
C LYS A 321 -8.99 -11.24 -35.94
N ASP A 322 -8.42 -10.05 -36.04
CA ASP A 322 -7.52 -9.67 -37.14
C ASP A 322 -6.46 -8.69 -36.60
N GLU A 323 -5.72 -8.05 -37.50
CA GLU A 323 -4.56 -7.20 -37.14
C GLU A 323 -4.79 -6.14 -36.04
N SER A 324 -6.02 -5.65 -35.89
CA SER A 324 -6.27 -4.50 -35.01
C SER A 324 -7.25 -4.75 -33.88
N THR A 325 -7.75 -5.99 -33.78
CA THR A 325 -8.69 -6.39 -32.73
C THR A 325 -8.15 -6.15 -31.31
N MET A 326 -6.88 -6.49 -31.08
CA MET A 326 -6.24 -6.29 -29.78
C MET A 326 -6.19 -4.80 -29.39
N LYS A 327 -5.64 -3.97 -30.28
CA LYS A 327 -5.54 -2.53 -30.05
C LYS A 327 -6.90 -1.88 -29.77
N GLU A 328 -7.93 -2.30 -30.49
CA GLU A 328 -9.28 -1.78 -30.28
C GLU A 328 -9.88 -2.26 -28.96
N PHE A 329 -9.57 -3.48 -28.57
CA PHE A 329 -10.00 -3.99 -27.28
C PHE A 329 -9.36 -3.18 -26.14
N GLU A 330 -8.06 -2.89 -26.26
CA GLU A 330 -7.36 -2.05 -25.29
C GLU A 330 -8.01 -0.67 -25.12
N GLU A 331 -8.16 0.04 -26.23
CA GLU A 331 -8.83 1.35 -26.24
C GLU A 331 -10.24 1.31 -25.64
N ASN A 332 -10.97 0.22 -25.87
CA ASN A 332 -12.29 0.05 -25.26
C ASN A 332 -12.19 -0.12 -23.73
N ILE A 333 -11.15 -0.82 -23.26
CA ILE A 333 -10.89 -0.94 -21.82
C ILE A 333 -10.54 0.43 -21.22
N ARG A 334 -9.66 1.17 -21.88
CA ARG A 334 -9.28 2.52 -21.43
C ARG A 334 -10.49 3.48 -21.37
N ASP A 335 -11.40 3.33 -22.31
CA ASP A 335 -12.60 4.16 -22.36
C ASP A 335 -13.62 3.79 -21.28
N HIS A 336 -13.73 2.50 -20.97
CA HIS A 336 -14.64 2.03 -19.93
C HIS A 336 -14.10 2.16 -18.53
N PHE A 337 -12.78 2.04 -18.39
CA PHE A 337 -12.11 2.05 -17.08
C PHE A 337 -11.13 3.20 -17.01
N GLN A 338 -11.62 4.43 -17.05
CA GLN A 338 -10.74 5.61 -17.17
C GLN A 338 -9.90 5.87 -15.93
N PHE A 339 -10.34 5.35 -14.80
CA PHE A 339 -9.62 5.48 -13.54
C PHE A 339 -8.47 4.45 -13.42
N LEU A 340 -8.26 3.64 -14.45
CA LEU A 340 -7.24 2.57 -14.39
C LEU A 340 -6.11 2.70 -15.41
N ASP A 341 -5.77 3.93 -15.78
CA ASP A 341 -4.73 4.19 -16.79
C ASP A 341 -3.36 3.62 -16.43
N TYR A 342 -3.10 3.45 -15.13
CA TYR A 342 -1.86 2.84 -14.66
C TYR A 342 -1.81 1.31 -14.83
N ALA A 343 -2.98 0.65 -14.91
CA ALA A 343 -3.01 -0.81 -14.93
C ALA A 343 -2.63 -1.35 -16.31
N PRO A 344 -1.70 -2.34 -16.36
CA PRO A 344 -1.38 -2.94 -17.64
C PRO A 344 -2.52 -3.86 -18.08
N ILE A 345 -2.65 -4.04 -19.39
CA ILE A 345 -3.64 -4.98 -19.93
C ILE A 345 -2.93 -6.18 -20.55
N LEU A 346 -3.37 -7.38 -20.19
CA LEU A 346 -2.80 -8.63 -20.68
C LEU A 346 -3.88 -9.42 -21.44
N PHE A 347 -3.51 -9.98 -22.60
CA PHE A 347 -4.41 -10.85 -23.35
C PHE A 347 -3.90 -12.28 -23.27
N MET A 348 -4.74 -13.21 -22.82
CA MET A 348 -4.33 -14.60 -22.68
C MET A 348 -5.50 -15.56 -22.83
N SER A 349 -5.18 -16.85 -22.83
CA SER A 349 -6.17 -17.93 -22.89
C SER A 349 -5.84 -19.02 -21.88
N ALA A 350 -6.67 -19.16 -20.85
CA ALA A 350 -6.52 -20.25 -19.90
C ALA A 350 -6.67 -21.60 -20.62
N LEU A 351 -7.43 -21.61 -21.72
CA LEU A 351 -7.66 -22.84 -22.50
C LEU A 351 -6.45 -23.32 -23.28
N THR A 352 -5.89 -22.47 -24.15
CA THR A 352 -4.74 -22.89 -24.96
C THR A 352 -3.41 -22.62 -24.27
N LYS A 353 -3.46 -21.90 -23.16
CA LYS A 353 -2.29 -21.51 -22.36
C LYS A 353 -1.47 -20.39 -23.01
N LYS A 354 -2.01 -19.79 -24.08
CA LYS A 354 -1.34 -18.68 -24.77
C LYS A 354 -1.21 -17.47 -23.84
N ARG A 355 0.05 -17.04 -23.66
CA ARG A 355 0.46 -15.92 -22.79
C ARG A 355 0.16 -16.07 -21.28
N ILE A 356 -0.21 -17.27 -20.84
CA ILE A 356 -0.33 -17.54 -19.40
C ILE A 356 0.97 -17.21 -18.65
N HIS A 357 2.12 -17.43 -19.31
CA HIS A 357 3.42 -17.15 -18.72
C HIS A 357 3.65 -15.71 -18.36
N THR A 358 2.75 -14.83 -18.80
CA THR A 358 2.92 -13.39 -18.58
C THR A 358 2.23 -12.87 -17.32
N LEU A 359 1.31 -13.64 -16.76
CA LEU A 359 0.55 -13.16 -15.60
C LEU A 359 1.40 -12.96 -14.33
N MET A 360 2.12 -13.98 -13.89
CA MET A 360 2.97 -13.85 -12.69
C MET A 360 4.00 -12.73 -12.77
N PRO A 361 4.74 -12.62 -13.89
CA PRO A 361 5.64 -11.47 -13.98
C PRO A 361 4.93 -10.10 -13.84
N ALA A 362 3.70 -9.99 -14.35
CA ALA A 362 2.91 -8.76 -14.21
C ALA A 362 2.45 -8.54 -12.75
N ILE A 363 2.07 -9.61 -12.08
CA ILE A 363 1.70 -9.50 -10.66
C ILE A 363 2.91 -9.04 -9.84
N ILE A 364 4.08 -9.61 -10.14
CA ILE A 364 5.33 -9.24 -9.48
C ILE A 364 5.66 -7.74 -9.65
N LYS A 365 5.62 -7.27 -10.89
CA LYS A 365 5.94 -5.87 -11.22
C LYS A 365 4.96 -4.87 -10.58
N ALA A 366 3.66 -5.17 -10.69
CA ALA A 366 2.63 -4.39 -10.02
C ALA A 366 2.87 -4.33 -8.51
N SER A 367 3.19 -5.49 -7.90
CA SER A 367 3.50 -5.53 -6.45
C SER A 367 4.71 -4.69 -6.07
N GLU A 368 5.78 -4.82 -6.84
CA GLU A 368 6.97 -4.01 -6.66
C GLU A 368 6.68 -2.50 -6.72
N ASN A 369 5.94 -2.08 -7.75
CA ASN A 369 5.63 -0.67 -7.90
C ASN A 369 4.75 -0.12 -6.78
N HIS A 370 3.80 -0.94 -6.35
CA HIS A 370 2.94 -0.66 -5.19
C HIS A 370 3.73 -0.35 -3.96
N SER A 371 4.88 -1.01 -3.80
CA SER A 371 5.68 -0.94 -2.56
C SER A 371 6.88 0.00 -2.68
N LEU A 372 7.00 0.68 -3.81
CA LEU A 372 8.21 1.44 -4.10
C LEU A 372 8.34 2.71 -3.27
N ARG A 373 9.54 2.95 -2.76
CA ARG A 373 9.84 4.14 -2.02
C ARG A 373 10.94 4.94 -2.72
N VAL A 374 10.63 6.18 -3.00
CA VAL A 374 11.39 7.05 -3.86
C VAL A 374 12.37 7.85 -3.03
N GLN A 375 13.52 8.20 -3.62
CA GLN A 375 14.46 9.11 -2.95
C GLN A 375 14.01 10.56 -3.09
N THR A 376 14.07 11.26 -1.97
CA THR A 376 13.53 12.61 -1.83
C THR A 376 14.18 13.67 -2.72
N ASN A 377 15.52 13.63 -2.82
CA ASN A 377 16.21 14.62 -3.65
C ASN A 377 15.88 14.47 -5.13
N VAL A 378 15.71 13.23 -5.58
CA VAL A 378 15.33 12.92 -6.95
C VAL A 378 13.89 13.37 -7.16
N LEU A 379 13.01 13.00 -6.23
CA LEU A 379 11.62 13.47 -6.24
C LEU A 379 11.53 14.98 -6.43
N ASN A 380 12.33 15.74 -5.68
CA ASN A 380 12.24 17.20 -5.76
C ASN A 380 12.73 17.75 -7.10
N ASP A 381 13.78 17.14 -7.66
CA ASP A 381 14.27 17.47 -9.00
C ASP A 381 13.22 17.16 -10.06
N VAL A 382 12.47 16.08 -9.86
CA VAL A 382 11.40 15.71 -10.79
C VAL A 382 10.31 16.78 -10.79
N ILE A 383 9.93 17.25 -9.61
CA ILE A 383 8.88 18.26 -9.47
C ILE A 383 9.32 19.65 -9.92
N MET A 384 10.56 20.02 -9.60
CA MET A 384 11.08 21.29 -10.09
CA MET A 384 11.14 21.26 -10.10
C MET A 384 11.15 21.27 -11.62
N ASP A 385 11.53 20.14 -12.21
CA ASP A 385 11.58 20.00 -13.65
C ASP A 385 10.19 20.11 -14.29
N ALA A 386 9.19 19.52 -13.64
CA ALA A 386 7.80 19.62 -14.10
C ALA A 386 7.29 21.06 -14.05
N VAL A 387 7.60 21.76 -12.96
CA VAL A 387 7.16 23.15 -12.81
C VAL A 387 7.84 24.08 -13.85
N ALA A 388 9.09 23.77 -14.20
CA ALA A 388 9.80 24.45 -15.29
C ALA A 388 9.14 24.23 -16.65
N MET A 389 8.75 22.98 -16.94
CA MET A 389 8.07 22.62 -18.19
C MET A 389 6.72 23.32 -18.36
N ASN A 390 6.06 23.58 -17.23
CA ASN A 390 4.67 24.00 -17.23
C ASN A 390 4.39 24.86 -15.98
N PRO A 391 4.39 26.19 -16.13
CA PRO A 391 4.19 27.12 -15.01
C PRO A 391 2.88 26.86 -14.28
N THR A 392 2.88 27.17 -13.00
CA THR A 392 1.80 26.79 -12.09
C THR A 392 0.53 27.62 -12.28
N PRO A 393 -0.64 27.12 -11.82
CA PRO A 393 -1.92 27.84 -11.97
C PRO A 393 -2.00 29.13 -11.15
N THR A 394 -2.65 30.15 -11.72
CA THR A 394 -2.82 31.44 -11.05
C THR A 394 -4.29 31.66 -10.64
N HIS A 395 -4.52 32.61 -9.74
CA HIS A 395 -5.85 32.92 -9.23
C HIS A 395 -5.86 34.37 -8.80
N ASN A 396 -6.41 35.23 -9.66
CA ASN A 396 -6.41 36.69 -9.50
C ASN A 396 -5.02 37.33 -9.63
N GLY A 397 -4.22 37.25 -8.57
CA GLY A 397 -2.85 37.75 -8.58
C GLY A 397 -1.88 36.77 -7.94
N SER A 398 -2.43 35.74 -7.32
CA SER A 398 -1.66 34.69 -6.65
C SER A 398 -1.23 33.61 -7.63
N ARG A 399 -0.10 32.98 -7.33
CA ARG A 399 0.41 31.86 -8.11
C ARG A 399 0.77 30.73 -7.14
N LEU A 400 0.47 29.49 -7.52
CA LEU A 400 0.90 28.35 -6.71
C LEU A 400 2.42 28.31 -6.68
N LYS A 401 2.99 28.19 -5.49
CA LYS A 401 4.42 27.95 -5.35
C LYS A 401 4.60 26.62 -4.63
N ILE A 402 5.52 25.81 -5.15
CA ILE A 402 5.84 24.53 -4.55
C ILE A 402 7.20 24.61 -3.85
N TYR A 403 7.19 24.44 -2.54
CA TYR A 403 8.41 24.52 -1.74
C TYR A 403 9.19 23.22 -1.62
N TYR A 404 8.49 22.10 -1.49
CA TYR A 404 9.15 20.86 -1.11
C TYR A 404 8.16 19.71 -1.29
N ALA A 405 8.67 18.55 -1.70
CA ALA A 405 7.84 17.36 -1.82
C ALA A 405 8.54 16.16 -1.17
N THR A 406 7.73 15.26 -0.62
CA THR A 406 8.23 14.04 0.00
C THR A 406 7.18 12.92 -0.08
N GLN A 407 7.65 11.68 -0.14
CA GLN A 407 6.80 10.51 0.03
C GLN A 407 6.45 10.34 1.51
N VAL A 408 5.21 9.93 1.79
CA VAL A 408 4.72 9.77 3.15
C VAL A 408 4.33 8.34 3.51
N SER A 409 4.09 7.51 2.50
CA SER A 409 3.63 6.13 2.69
C SER A 409 3.79 5.30 1.43
N VAL A 410 3.65 3.98 1.56
CA VAL A 410 3.72 3.06 0.44
C VAL A 410 2.42 2.29 0.38
N LYS A 411 2.23 1.52 -0.69
CA LYS A 411 1.06 0.63 -0.85
C LYS A 411 -0.28 1.30 -0.60
N PRO A 412 -0.69 2.25 -1.46
CA PRO A 412 0.01 2.75 -2.65
C PRO A 412 0.98 3.88 -2.27
N PRO A 413 1.92 4.24 -3.17
CA PRO A 413 2.81 5.40 -2.96
C PRO A 413 2.03 6.69 -2.80
N SER A 414 2.28 7.42 -1.72
CA SER A 414 1.57 8.66 -1.44
C SER A 414 2.59 9.74 -1.13
N PHE A 415 2.33 10.92 -1.69
CA PHE A 415 3.21 12.07 -1.61
C PHE A 415 2.50 13.30 -1.09
N VAL A 416 3.23 14.12 -0.34
CA VAL A 416 2.76 15.42 0.09
C VAL A 416 3.63 16.46 -0.60
N VAL A 417 2.99 17.49 -1.15
CA VAL A 417 3.75 18.63 -1.68
C VAL A 417 3.41 19.87 -0.86
N PHE A 418 4.44 20.49 -0.31
CA PHE A 418 4.26 21.70 0.50
C PHE A 418 4.18 22.94 -0.39
N VAL A 419 3.08 23.68 -0.26
CA VAL A 419 2.79 24.78 -1.17
C VAL A 419 2.42 26.08 -0.47
N ASN A 420 2.50 27.15 -1.26
CA ASN A 420 1.77 28.40 -1.14
C ASN A 420 0.41 28.25 -0.47
N ASP A 421 -0.59 27.94 -1.29
CA ASP A 421 -1.98 27.78 -0.87
C ASP A 421 -2.50 26.51 -1.57
N PRO A 422 -2.94 25.50 -0.80
CA PRO A 422 -3.49 24.25 -1.35
C PRO A 422 -4.66 24.44 -2.34
N GLU A 423 -5.34 25.59 -2.27
CA GLU A 423 -6.50 25.89 -3.11
C GLU A 423 -6.10 26.19 -4.55
N LEU A 424 -4.87 26.66 -4.75
CA LEU A 424 -4.33 26.95 -6.09
C LEU A 424 -3.85 25.70 -6.84
N MET A 425 -3.80 24.57 -6.13
CA MET A 425 -3.43 23.29 -6.71
C MET A 425 -4.70 22.61 -7.23
N HIS A 426 -4.97 22.79 -8.53
CA HIS A 426 -6.17 22.24 -9.15
C HIS A 426 -5.97 20.83 -9.58
N PHE A 427 -7.08 20.12 -9.74
CA PHE A 427 -7.06 18.70 -10.09
C PHE A 427 -6.27 18.40 -11.35
N SER A 428 -6.41 19.24 -12.39
CA SER A 428 -5.68 19.03 -13.64
C SER A 428 -4.17 19.17 -13.43
N TYR A 429 -3.75 20.16 -12.64
CA TYR A 429 -2.32 20.31 -12.36
C TYR A 429 -1.76 19.17 -11.50
N GLU A 430 -2.57 18.68 -10.56
CA GLU A 430 -2.23 17.51 -9.77
C GLU A 430 -1.98 16.29 -10.66
N ARG A 431 -2.87 16.06 -11.64
CA ARG A 431 -2.70 14.98 -12.63
C ARG A 431 -1.43 15.15 -13.47
N PHE A 432 -1.13 16.40 -13.82
CA PHE A 432 0.10 16.72 -14.53
C PHE A 432 1.31 16.26 -13.71
N LEU A 433 1.30 16.58 -12.43
CA LEU A 433 2.39 16.21 -11.53
C LEU A 433 2.49 14.68 -11.38
N GLU A 434 1.33 14.04 -11.25
CA GLU A 434 1.26 12.59 -11.17
C GLU A 434 1.97 11.95 -12.36
N ASN A 435 1.67 12.44 -13.56
CA ASN A 435 2.26 11.89 -14.78
C ASN A 435 3.75 12.16 -14.96
N ARG A 436 4.22 13.28 -14.42
CA ARG A 436 5.65 13.56 -14.38
C ARG A 436 6.38 12.62 -13.40
N ILE A 437 5.76 12.35 -12.25
CA ILE A 437 6.30 11.34 -11.32
C ILE A 437 6.35 9.95 -11.96
N ARG A 438 5.29 9.56 -12.66
CA ARG A 438 5.23 8.27 -13.37
C ARG A 438 6.33 8.15 -14.45
N ASP A 439 6.48 9.18 -15.27
CA ASP A 439 7.51 9.21 -16.30
C ASP A 439 8.91 8.95 -15.76
N ALA A 440 9.21 9.43 -14.55
CA ALA A 440 10.56 9.34 -14.00
C ALA A 440 10.80 8.09 -13.16
N PHE A 441 9.77 7.59 -12.51
CA PHE A 441 9.95 6.46 -11.62
C PHE A 441 9.30 5.15 -12.09
N GLY A 442 8.34 5.25 -13.01
CA GLY A 442 7.60 4.07 -13.48
C GLY A 442 6.18 4.02 -12.91
N PHE A 443 6.02 3.34 -11.78
CA PHE A 443 4.72 3.18 -11.08
C PHE A 443 3.60 2.45 -11.82
N GLU A 444 3.95 1.75 -12.90
CA GLU A 444 3.00 0.92 -13.64
CA GLU A 444 2.97 0.96 -13.62
C GLU A 444 2.36 -0.11 -12.72
N GLY A 445 1.04 -0.27 -12.81
CA GLY A 445 0.36 -1.24 -11.99
C GLY A 445 -0.18 -0.72 -10.67
N THR A 446 0.13 0.53 -10.31
CA THR A 446 -0.33 1.10 -9.05
C THR A 446 -0.88 2.53 -9.18
N PRO A 447 -1.93 2.85 -8.41
CA PRO A 447 -2.32 4.25 -8.27
C PRO A 447 -1.30 4.95 -7.39
N ILE A 448 -1.27 6.27 -7.45
CA ILE A 448 -0.51 7.06 -6.50
C ILE A 448 -1.36 8.23 -5.97
N LYS A 449 -0.98 8.75 -4.82
CA LYS A 449 -1.72 9.83 -4.18
C LYS A 449 -0.84 11.06 -4.03
N ILE A 450 -1.37 12.21 -4.40
CA ILE A 450 -0.71 13.50 -4.12
C ILE A 450 -1.61 14.40 -3.29
N PHE A 451 -1.06 14.97 -2.23
CA PHE A 451 -1.78 15.90 -1.35
C PHE A 451 -0.99 17.18 -1.20
N ALA A 452 -1.67 18.31 -1.45
CA ALA A 452 -1.11 19.64 -1.18
C ALA A 452 -1.31 20.00 0.28
N ARG A 453 -0.27 20.52 0.93
CA ARG A 453 -0.41 21.05 2.30
C ARG A 453 0.30 22.38 2.44
N ALA A 454 -0.27 23.24 3.27
CA ALA A 454 0.36 24.52 3.58
C ALA A 454 1.37 24.40 4.71
N ARG A 455 2.31 25.33 4.75
CA ARG A 455 3.22 25.49 5.89
C ARG A 455 2.41 25.88 7.13
PB GDP B . -15.01 -18.98 -13.34
O1B GDP B . -16.47 -18.99 -12.99
O2B GDP B . -14.50 -17.57 -13.56
O3B GDP B . -14.14 -19.82 -12.45
O3A GDP B . -14.92 -19.64 -14.80
PA GDP B . -14.44 -21.15 -15.11
O1A GDP B . -12.95 -21.31 -15.01
O2A GDP B . -15.33 -22.12 -14.36
O5' GDP B . -14.78 -21.23 -16.68
C5' GDP B . -16.08 -20.97 -17.22
C4' GDP B . -16.15 -21.54 -18.63
O4' GDP B . -15.32 -20.78 -19.53
C3' GDP B . -15.64 -22.98 -18.69
O3' GDP B . -16.47 -23.72 -19.58
C2' GDP B . -14.27 -22.87 -19.32
O2' GDP B . -13.93 -24.04 -20.06
C1' GDP B . -14.41 -21.64 -20.21
N9 GDP B . -13.08 -21.04 -20.42
C8 GDP B . -12.21 -20.67 -19.44
N7 GDP B . -11.08 -20.16 -19.97
C5 GDP B . -11.20 -20.17 -21.31
C6 GDP B . -10.38 -19.75 -22.47
O6 GDP B . -9.24 -19.25 -22.32
N1 GDP B . -10.88 -19.94 -23.70
C2 GDP B . -12.09 -20.48 -23.92
N2 GDP B . -12.52 -20.62 -25.21
N3 GDP B . -12.91 -20.87 -22.89
C4 GDP B . -12.53 -20.75 -21.60
S SO4 C . 14.86 6.57 25.93
O1 SO4 C . 14.86 7.87 26.65
O2 SO4 C . 14.52 6.79 24.51
O3 SO4 C . 16.20 5.95 26.01
O4 SO4 C . 13.84 5.69 26.55
#